data_5YIG
#
_entry.id   5YIG
#
_cell.length_a   43.394
_cell.length_b   61.980
_cell.length_c   84.824
_cell.angle_alpha   90.000
_cell.angle_beta   99.030
_cell.angle_gamma   90.000
#
_symmetry.space_group_name_H-M   'P 1 21 1'
#
loop_
_entity.id
_entity.type
_entity.pdbx_description
1 polymer 'DNA topoisomerase 4 subunit B'
2 non-polymer 1-ethyl-3-[5-[2-[(1S,5R)-3-methyl-3,8-diazabicyclo[3.2.1]octan-8-yl]-5-(2-oxidanylidene-3H-1,3,4-oxadiazol-5-yl)pyridin-3-yl]-4-[4-(trifluoromethyl)-1,3-thiazol-2-yl]pyridin-2-yl]urea
3 water water
#
_entity_poly.entity_id   1
_entity_poly.type   'polypeptide(L)'
_entity_poly.pdbx_seq_one_letter_code
;QVLEGLDAVRKRPGMYIGSTDGAGLHHLVWEIVDNAVDEALSGFGDRIDVTINKDGSLTVQDHGRGMPTGMHAMGIPTVE
VIFTILHAGGKFGQGGYKTSGGLHGVGSSVVNALSSWLEVEITRDGAVYKQRFENGGKPVTTLKKIGTALKSKTGTKVTF
MPDATIFSTTDFKYNTISERLNESAFLLKNVTLSLTDKRTDEAIEFHYEN
;
_entity_poly.pdbx_strand_id   A,B
#
# COMPACT_ATOMS: atom_id res chain seq x y z
N VAL A 2 -37.44 -5.72 15.48
CA VAL A 2 -37.70 -4.56 14.61
C VAL A 2 -36.40 -4.02 14.03
N LEU A 3 -36.37 -3.86 12.71
CA LEU A 3 -35.18 -3.38 12.01
C LEU A 3 -35.18 -1.85 11.85
N GLU A 4 -33.99 -1.26 11.79
CA GLU A 4 -33.83 0.19 11.60
C GLU A 4 -32.83 0.52 10.51
N GLY A 5 -32.92 1.74 9.97
CA GLY A 5 -31.96 2.23 9.00
C GLY A 5 -30.75 2.86 9.65
N LEU A 6 -29.85 3.42 8.84
CA LEU A 6 -28.64 4.03 9.37
C LEU A 6 -28.86 5.44 9.91
N ASP A 7 -29.93 6.09 9.48
CA ASP A 7 -30.25 7.42 9.97
C ASP A 7 -30.59 7.36 11.46
N ALA A 8 -31.07 6.21 11.91
CA ALA A 8 -31.39 5.99 13.31
C ALA A 8 -30.14 6.08 14.19
N VAL A 9 -29.01 5.60 13.65
CA VAL A 9 -27.75 5.66 14.39
C VAL A 9 -27.24 7.09 14.37
N ARG A 10 -27.34 7.74 13.21
CA ARG A 10 -26.88 9.12 13.07
C ARG A 10 -27.68 10.05 13.98
N LYS A 11 -28.96 9.76 14.17
CA LYS A 11 -29.82 10.61 14.98
C LYS A 11 -29.36 10.64 16.43
N ARG A 12 -29.04 9.47 16.98
CA ARG A 12 -28.53 9.39 18.34
C ARG A 12 -27.28 8.53 18.40
N PRO A 13 -26.14 9.09 17.94
CA PRO A 13 -24.88 8.37 17.83
C PRO A 13 -24.34 7.85 19.15
N GLY A 14 -24.48 8.63 20.22
CA GLY A 14 -23.98 8.23 21.52
C GLY A 14 -24.62 6.97 22.06
N MET A 15 -25.84 6.68 21.61
CA MET A 15 -26.57 5.53 22.14
C MET A 15 -25.99 4.23 21.57
N TYR A 16 -25.24 4.33 20.48
CA TYR A 16 -24.67 3.16 19.83
C TYR A 16 -23.15 3.02 20.01
N ILE A 17 -22.45 4.13 20.21
CA ILE A 17 -20.99 4.05 20.43
C ILE A 17 -20.51 4.77 21.69
N GLY A 18 -21.43 5.13 22.58
CA GLY A 18 -21.05 5.74 23.84
C GLY A 18 -20.94 7.26 23.79
N SER A 19 -20.16 7.77 22.85
CA SER A 19 -19.95 9.21 22.72
C SER A 19 -19.38 9.56 21.34
N THR A 20 -19.20 10.85 21.08
CA THR A 20 -18.71 11.29 19.77
C THR A 20 -17.39 12.04 19.88
N ASP A 21 -16.64 11.78 20.94
CA ASP A 21 -15.33 12.37 21.11
C ASP A 21 -14.23 11.38 20.73
N GLY A 22 -13.04 11.54 21.34
CA GLY A 22 -11.92 10.67 21.04
C GLY A 22 -12.19 9.21 21.31
N ALA A 23 -12.86 8.94 22.43
CA ALA A 23 -13.18 7.56 22.80
C ALA A 23 -14.12 6.93 21.78
N GLY A 24 -15.20 7.63 21.47
CA GLY A 24 -16.18 7.15 20.53
C GLY A 24 -15.60 6.90 19.15
N LEU A 25 -14.66 7.75 18.75
CA LEU A 25 -14.01 7.60 17.46
C LEU A 25 -13.33 6.25 17.36
N HIS A 26 -12.69 5.85 18.44
CA HIS A 26 -11.94 4.59 18.44
C HIS A 26 -12.86 3.38 18.60
N HIS A 27 -14.09 3.59 19.07
CA HIS A 27 -15.07 2.51 19.14
CA HIS A 27 -15.04 2.49 19.15
C HIS A 27 -15.35 1.98 17.74
N LEU A 28 -15.27 2.88 16.75
CA LEU A 28 -15.43 2.51 15.35
C LEU A 28 -14.38 1.48 14.96
N VAL A 29 -13.17 1.67 15.45
CA VAL A 29 -12.06 0.76 15.17
C VAL A 29 -12.32 -0.60 15.80
N TRP A 30 -12.80 -0.63 17.04
CA TRP A 30 -13.02 -1.89 17.74
C TRP A 30 -14.11 -2.73 17.07
N GLU A 31 -15.14 -2.07 16.52
CA GLU A 31 -16.25 -2.76 15.89
C GLU A 31 -15.79 -3.63 14.72
N ILE A 32 -15.08 -3.01 13.78
CA ILE A 32 -14.60 -3.70 12.59
C ILE A 32 -13.58 -4.78 12.94
N VAL A 33 -12.66 -4.46 13.83
CA VAL A 33 -11.64 -5.41 14.27
C VAL A 33 -12.28 -6.62 14.98
N ASP A 34 -13.31 -6.37 15.79
CA ASP A 34 -13.97 -7.44 16.51
C ASP A 34 -14.58 -8.48 15.57
N ASN A 35 -14.88 -8.06 14.35
CA ASN A 35 -15.42 -8.97 13.35
C ASN A 35 -14.34 -9.81 12.70
N ALA A 36 -13.15 -9.23 12.55
CA ALA A 36 -12.01 -9.97 12.04
C ALA A 36 -11.54 -10.94 13.11
N VAL A 37 -11.64 -10.52 14.37
CA VAL A 37 -11.21 -11.36 15.48
C VAL A 37 -12.18 -12.53 15.66
N ASP A 38 -13.45 -12.26 15.38
CA ASP A 38 -14.48 -13.27 15.50
C ASP A 38 -14.35 -14.29 14.35
N GLU A 39 -13.61 -13.91 13.32
CA GLU A 39 -13.31 -14.83 12.22
C GLU A 39 -12.16 -15.74 12.56
N ALA A 40 -11.10 -15.14 13.12
CA ALA A 40 -9.94 -15.89 13.56
C ALA A 40 -10.34 -16.91 14.60
N LEU A 41 -11.15 -16.47 15.57
CA LEU A 41 -11.61 -17.35 16.64
C LEU A 41 -12.40 -18.52 16.09
N SER A 42 -13.00 -18.31 14.92
CA SER A 42 -13.77 -19.35 14.25
C SER A 42 -12.88 -20.20 13.37
N GLY A 43 -11.58 -19.85 13.35
CA GLY A 43 -10.58 -20.66 12.69
C GLY A 43 -10.12 -20.22 11.32
N PHE A 44 -10.43 -18.97 10.95
CA PHE A 44 -10.08 -18.51 9.62
C PHE A 44 -9.29 -17.21 9.65
N GLY A 45 -8.08 -17.26 9.10
CA GLY A 45 -7.18 -16.12 9.12
C GLY A 45 -6.23 -16.21 10.30
N ASP A 46 -4.96 -15.92 10.05
CA ASP A 46 -3.98 -15.98 11.13
C ASP A 46 -3.35 -14.62 11.39
N ARG A 47 -3.77 -13.62 10.62
CA ARG A 47 -3.31 -12.25 10.85
C ARG A 47 -4.40 -11.21 10.55
N ILE A 48 -4.37 -10.12 11.30
CA ILE A 48 -5.32 -9.04 11.10
C ILE A 48 -4.56 -7.73 11.09
N ASP A 49 -4.45 -7.11 9.92
CA ASP A 49 -3.63 -5.90 9.78
C ASP A 49 -4.49 -4.65 9.78
N VAL A 50 -4.20 -3.74 10.70
CA VAL A 50 -4.89 -2.46 10.78
C VAL A 50 -3.97 -1.36 10.26
N THR A 51 -4.48 -0.53 9.36
CA THR A 51 -3.65 0.51 8.76
C THR A 51 -4.30 1.89 8.89
N ILE A 52 -3.58 2.82 9.52
CA ILE A 52 -4.01 4.21 9.55
C ILE A 52 -3.40 4.95 8.37
N ASN A 53 -4.23 5.29 7.39
CA ASN A 53 -3.76 5.90 6.15
C ASN A 53 -3.45 7.39 6.26
N LYS A 54 -2.73 7.90 5.25
CA LYS A 54 -2.31 9.30 5.20
C LYS A 54 -3.49 10.25 5.08
N ASP A 55 -4.58 9.79 4.45
CA ASP A 55 -5.75 10.63 4.24
C ASP A 55 -6.61 10.70 5.51
N GLY A 56 -6.18 9.99 6.55
CA GLY A 56 -6.87 9.99 7.83
C GLY A 56 -7.83 8.84 8.02
N SER A 57 -8.13 8.12 6.93
CA SER A 57 -9.02 6.96 6.98
C SER A 57 -8.34 5.78 7.67
N LEU A 58 -9.10 4.73 7.94
CA LEU A 58 -8.55 3.56 8.62
C LEU A 58 -8.94 2.25 7.94
N THR A 59 -8.00 1.31 7.87
CA THR A 59 -8.24 0.04 7.21
C THR A 59 -8.00 -1.16 8.12
N VAL A 60 -8.93 -2.11 8.10
CA VAL A 60 -8.76 -3.40 8.76
C VAL A 60 -8.85 -4.49 7.71
N GLN A 61 -7.84 -5.34 7.64
CA GLN A 61 -7.83 -6.44 6.69
C GLN A 61 -7.54 -7.76 7.37
N ASP A 62 -8.45 -8.72 7.22
CA ASP A 62 -8.21 -10.08 7.73
C ASP A 62 -8.03 -11.04 6.56
N HIS A 63 -7.76 -12.30 6.87
CA HIS A 63 -7.60 -13.31 5.83
C HIS A 63 -8.53 -14.49 6.06
N GLY A 64 -9.76 -14.19 6.44
CA GLY A 64 -10.77 -15.20 6.69
C GLY A 64 -11.47 -15.64 5.40
N ARG A 65 -12.69 -16.13 5.56
CA ARG A 65 -13.46 -16.64 4.43
C ARG A 65 -14.02 -15.54 3.55
N GLY A 66 -13.99 -14.31 4.05
CA GLY A 66 -14.60 -13.19 3.37
C GLY A 66 -16.10 -13.16 3.62
N MET A 67 -16.67 -11.97 3.78
CA MET A 67 -18.11 -11.84 3.93
C MET A 67 -18.82 -12.42 2.71
N PRO A 68 -20.03 -12.93 2.90
CA PRO A 68 -20.85 -13.50 1.82
C PRO A 68 -20.99 -12.57 0.60
N THR A 69 -20.94 -13.17 -0.59
CA THR A 69 -21.01 -12.42 -1.83
C THR A 69 -22.35 -12.61 -2.54
N GLY A 70 -23.27 -13.33 -1.91
CA GLY A 70 -24.56 -13.60 -2.52
C GLY A 70 -25.51 -12.42 -2.50
N MET A 71 -26.70 -12.65 -3.04
CA MET A 71 -27.77 -11.65 -3.07
C MET A 71 -28.87 -11.99 -2.07
N HIS A 72 -29.67 -11.01 -1.69
CA HIS A 72 -30.90 -11.29 -0.93
C HIS A 72 -32.14 -10.94 -1.77
N ALA A 73 -33.09 -10.25 -1.17
CA ALA A 73 -34.29 -9.84 -1.90
C ALA A 73 -33.99 -8.59 -2.74
N MET A 74 -34.76 -8.40 -3.81
CA MET A 74 -34.64 -7.23 -4.67
C MET A 74 -33.26 -7.04 -5.28
N GLY A 75 -32.51 -8.12 -5.43
CA GLY A 75 -31.17 -8.05 -5.99
C GLY A 75 -30.23 -7.24 -5.11
N ILE A 76 -30.54 -7.19 -3.81
CA ILE A 76 -29.68 -6.49 -2.87
C ILE A 76 -28.67 -7.45 -2.26
N PRO A 77 -27.37 -7.13 -2.42
CA PRO A 77 -26.26 -7.97 -1.92
C PRO A 77 -26.34 -8.17 -0.41
N THR A 78 -25.90 -9.34 0.05
CA THR A 78 -25.90 -9.67 1.47
C THR A 78 -25.04 -8.69 2.26
N VAL A 79 -23.93 -8.26 1.67
CA VAL A 79 -23.02 -7.34 2.33
C VAL A 79 -23.68 -5.97 2.48
N GLU A 80 -24.62 -5.65 1.59
CA GLU A 80 -25.33 -4.37 1.68
C GLU A 80 -26.31 -4.41 2.86
N VAL A 81 -26.86 -5.59 3.12
CA VAL A 81 -27.77 -5.78 4.25
C VAL A 81 -27.03 -5.67 5.58
N ILE A 82 -25.81 -6.19 5.61
CA ILE A 82 -24.99 -6.14 6.81
C ILE A 82 -24.59 -4.70 7.18
N PHE A 83 -24.33 -3.87 6.17
CA PHE A 83 -23.81 -2.53 6.41
C PHE A 83 -24.89 -1.43 6.46
N THR A 84 -26.12 -1.74 6.06
CA THR A 84 -27.14 -0.70 6.00
C THR A 84 -28.41 -1.02 6.79
N ILE A 85 -28.54 -2.26 7.25
CA ILE A 85 -29.71 -2.59 8.04
C ILE A 85 -29.32 -2.93 9.47
N LEU A 86 -29.81 -2.11 10.37
CA LEU A 86 -29.51 -2.23 11.79
C LEU A 86 -30.52 -3.16 12.46
N HIS A 87 -30.02 -4.22 13.09
CA HIS A 87 -30.90 -5.19 13.74
C HIS A 87 -31.20 -4.80 15.19
N ALA A 88 -31.41 -3.50 15.42
CA ALA A 88 -31.69 -2.99 16.75
C ALA A 88 -33.16 -3.20 17.13
N VAL A 106 -24.02 -6.33 14.61
CA VAL A 106 -24.66 -5.02 14.55
C VAL A 106 -23.63 -3.92 14.31
N GLY A 107 -22.37 -4.22 14.61
CA GLY A 107 -21.28 -3.26 14.54
C GLY A 107 -20.97 -2.67 13.19
N SER A 108 -21.08 -3.47 12.13
CA SER A 108 -20.68 -3.06 10.80
C SER A 108 -21.46 -1.85 10.28
N SER A 109 -22.78 -1.88 10.48
CA SER A 109 -23.65 -0.82 9.97
C SER A 109 -23.49 0.46 10.79
N VAL A 110 -23.18 0.31 12.07
CA VAL A 110 -22.98 1.47 12.95
C VAL A 110 -21.81 2.31 12.46
N VAL A 111 -20.70 1.65 12.14
CA VAL A 111 -19.53 2.34 11.60
C VAL A 111 -19.87 3.01 10.26
N ASN A 112 -20.57 2.29 9.39
CA ASN A 112 -20.94 2.83 8.08
C ASN A 112 -21.83 4.06 8.22
N ALA A 113 -22.71 4.02 9.22
CA ALA A 113 -23.65 5.11 9.49
C ALA A 113 -22.91 6.37 9.94
N LEU A 114 -21.80 6.18 10.65
CA LEU A 114 -21.04 7.30 11.18
C LEU A 114 -19.76 7.55 10.38
N SER A 115 -19.78 7.17 9.10
CA SER A 115 -18.65 7.39 8.21
C SER A 115 -19.04 8.24 7.01
N SER A 116 -18.18 9.19 6.64
CA SER A 116 -18.44 10.00 5.46
C SER A 116 -18.28 9.15 4.19
N TRP A 117 -17.46 8.09 4.28
CA TRP A 117 -17.44 7.04 3.26
C TRP A 117 -16.84 5.75 3.80
N LEU A 118 -17.16 4.64 3.15
CA LEU A 118 -16.68 3.31 3.55
C LEU A 118 -16.62 2.37 2.37
N GLU A 119 -15.55 1.60 2.28
CA GLU A 119 -15.40 0.62 1.22
C GLU A 119 -15.21 -0.77 1.80
N VAL A 120 -15.88 -1.75 1.24
CA VAL A 120 -15.68 -3.13 1.66
C VAL A 120 -15.18 -3.94 0.47
N GLU A 121 -14.05 -4.62 0.65
CA GLU A 121 -13.49 -5.45 -0.41
CA GLU A 121 -13.48 -5.45 -0.42
C GLU A 121 -13.42 -6.91 0.01
N ILE A 122 -14.09 -7.77 -0.75
CA ILE A 122 -14.12 -9.18 -0.43
C ILE A 122 -13.37 -10.01 -1.46
N THR A 123 -12.54 -10.93 -0.99
CA THR A 123 -11.83 -11.84 -1.89
C THR A 123 -12.20 -13.28 -1.59
N ARG A 124 -12.91 -13.92 -2.51
CA ARG A 124 -13.19 -15.35 -2.39
C ARG A 124 -13.49 -15.97 -3.75
N ASP A 125 -13.30 -17.28 -3.84
CA ASP A 125 -13.60 -18.06 -5.03
C ASP A 125 -12.85 -17.58 -6.25
N GLY A 126 -11.69 -16.97 -6.03
CA GLY A 126 -10.85 -16.51 -7.12
C GLY A 126 -11.32 -15.20 -7.72
N ALA A 127 -12.29 -14.56 -7.07
CA ALA A 127 -12.77 -13.26 -7.52
C ALA A 127 -12.66 -12.24 -6.41
N VAL A 128 -12.56 -10.97 -6.78
CA VAL A 128 -12.50 -9.89 -5.80
C VAL A 128 -13.68 -8.95 -6.00
N TYR A 129 -14.48 -8.77 -4.94
CA TYR A 129 -15.68 -7.93 -5.00
C TYR A 129 -15.47 -6.64 -4.19
N LYS A 130 -16.24 -5.61 -4.52
CA LYS A 130 -16.09 -4.32 -3.84
C LYS A 130 -17.37 -3.50 -3.87
N GLN A 131 -17.73 -2.94 -2.72
CA GLN A 131 -18.81 -1.96 -2.65
C GLN A 131 -18.35 -0.74 -1.88
N ARG A 132 -18.81 0.42 -2.31
CA ARG A 132 -18.47 1.68 -1.65
C ARG A 132 -19.73 2.37 -1.12
N PHE A 133 -19.64 2.92 0.09
CA PHE A 133 -20.74 3.71 0.64
C PHE A 133 -20.26 5.13 0.89
N GLU A 134 -21.19 6.09 0.89
CA GLU A 134 -20.84 7.48 1.14
C GLU A 134 -21.92 8.21 1.92
N ASN A 135 -21.52 9.27 2.60
CA ASN A 135 -22.44 10.17 3.30
CA ASN A 135 -22.44 10.17 3.33
C ASN A 135 -23.37 9.43 4.27
N GLY A 136 -22.79 8.74 5.24
CA GLY A 136 -23.57 8.04 6.25
C GLY A 136 -24.11 6.69 5.85
N GLY A 137 -23.43 6.02 4.94
CA GLY A 137 -23.79 4.67 4.55
C GLY A 137 -24.76 4.51 3.40
N LYS A 138 -24.89 5.53 2.56
CA LYS A 138 -25.70 5.41 1.36
C LYS A 138 -24.90 4.75 0.24
N PRO A 139 -25.37 3.61 -0.26
CA PRO A 139 -24.65 2.91 -1.31
C PRO A 139 -24.52 3.76 -2.57
N VAL A 140 -23.31 3.88 -3.09
CA VAL A 140 -23.07 4.62 -4.34
C VAL A 140 -22.69 3.68 -5.47
N THR A 141 -22.35 2.45 -5.12
CA THR A 141 -22.20 1.36 -6.08
C THR A 141 -22.84 0.11 -5.47
N THR A 142 -23.10 -0.89 -6.29
CA THR A 142 -23.52 -2.19 -5.77
C THR A 142 -22.28 -2.99 -5.37
N LEU A 143 -22.46 -4.27 -5.09
CA LEU A 143 -21.31 -5.14 -4.87
C LEU A 143 -20.82 -5.63 -6.22
N LYS A 144 -19.68 -5.11 -6.67
CA LYS A 144 -19.21 -5.41 -8.01
C LYS A 144 -17.98 -6.31 -8.01
N LYS A 145 -17.96 -7.27 -8.94
CA LYS A 145 -16.76 -8.05 -9.18
C LYS A 145 -15.78 -7.19 -9.97
N ILE A 146 -14.62 -6.91 -9.39
CA ILE A 146 -13.68 -5.98 -9.99
C ILE A 146 -12.35 -6.62 -10.40
N GLY A 147 -12.12 -7.86 -9.98
CA GLY A 147 -10.88 -8.53 -10.32
C GLY A 147 -10.83 -10.00 -9.95
N THR A 148 -9.66 -10.60 -10.16
CA THR A 148 -9.47 -12.02 -9.88
C THR A 148 -8.34 -12.21 -8.88
N ALA A 149 -8.27 -13.39 -8.29
CA ALA A 149 -7.22 -13.73 -7.33
C ALA A 149 -7.07 -15.24 -7.28
N LEU A 150 -6.11 -15.73 -6.51
CA LEU A 150 -5.95 -17.16 -6.36
C LEU A 150 -7.05 -17.66 -5.44
N LYS A 151 -7.39 -18.93 -5.56
CA LYS A 151 -8.49 -19.48 -4.76
C LYS A 151 -8.05 -19.61 -3.30
N SER A 152 -6.74 -19.60 -3.09
CA SER A 152 -6.17 -19.66 -1.74
C SER A 152 -6.22 -18.30 -1.04
N LYS A 153 -6.34 -17.23 -1.82
CA LYS A 153 -6.38 -15.90 -1.21
C LYS A 153 -7.83 -15.55 -0.88
N THR A 154 -8.08 -15.36 0.41
CA THR A 154 -9.42 -15.06 0.89
C THR A 154 -9.40 -14.04 2.03
N GLY A 155 -10.44 -13.22 2.14
CA GLY A 155 -10.52 -12.24 3.21
C GLY A 155 -11.39 -11.03 2.97
N THR A 156 -11.52 -10.22 4.01
CA THR A 156 -12.35 -9.01 3.95
C THR A 156 -11.52 -7.77 4.29
N LYS A 157 -11.61 -6.74 3.46
CA LYS A 157 -10.94 -5.47 3.76
C LYS A 157 -11.95 -4.34 3.90
N VAL A 158 -12.04 -3.75 5.08
CA VAL A 158 -12.93 -2.62 5.30
C VAL A 158 -12.14 -1.35 5.52
N THR A 159 -12.45 -0.32 4.74
CA THR A 159 -11.82 0.98 4.91
C THR A 159 -12.90 2.04 5.07
N PHE A 160 -12.80 2.83 6.12
CA PHE A 160 -13.82 3.83 6.40
C PHE A 160 -13.20 5.14 6.84
N MET A 161 -13.90 6.23 6.55
CA MET A 161 -13.52 7.56 6.96
C MET A 161 -14.57 8.09 7.92
N PRO A 162 -14.20 8.30 9.19
CA PRO A 162 -15.14 8.77 10.21
C PRO A 162 -15.70 10.15 9.85
N ASP A 163 -16.99 10.34 10.05
CA ASP A 163 -17.69 11.58 9.71
C ASP A 163 -17.23 12.74 10.60
N ALA A 164 -16.65 13.75 9.99
CA ALA A 164 -16.13 14.91 10.72
C ALA A 164 -17.24 15.80 11.28
N THR A 165 -18.42 15.75 10.66
CA THR A 165 -19.57 16.55 11.12
C THR A 165 -20.33 15.86 12.24
N ILE A 166 -19.79 14.75 12.72
CA ILE A 166 -20.39 14.02 13.84
C ILE A 166 -19.42 13.91 15.01
N PHE A 167 -18.16 13.60 14.70
CA PHE A 167 -17.13 13.47 15.74
C PHE A 167 -16.40 14.79 15.98
N SER A 168 -16.07 15.05 17.23
CA SER A 168 -15.31 16.25 17.60
C SER A 168 -13.85 16.11 17.18
N THR A 169 -13.43 14.87 16.94
CA THR A 169 -12.08 14.60 16.45
C THR A 169 -12.04 13.36 15.55
N THR A 170 -11.35 13.44 14.43
CA THR A 170 -11.23 12.31 13.51
C THR A 170 -9.79 11.87 13.37
N ASP A 171 -8.98 12.23 14.35
CA ASP A 171 -7.56 11.87 14.37
CA ASP A 171 -7.57 11.85 14.35
C ASP A 171 -7.36 10.58 15.16
N PHE A 172 -7.12 9.48 14.45
CA PHE A 172 -6.89 8.20 15.10
C PHE A 172 -5.58 8.22 15.90
N LYS A 173 -5.62 7.66 17.10
CA LYS A 173 -4.44 7.61 17.97
C LYS A 173 -3.66 6.31 17.78
N TYR A 174 -2.36 6.42 17.48
CA TYR A 174 -1.50 5.26 17.29
C TYR A 174 -1.34 4.43 18.57
N ASN A 175 -1.07 5.09 19.69
CA ASN A 175 -0.93 4.40 20.98
C ASN A 175 -2.21 3.69 21.43
N THR A 176 -3.34 4.37 21.31
CA THR A 176 -4.62 3.81 21.73
C THR A 176 -4.96 2.51 21.00
N ILE A 177 -4.91 2.55 19.66
CA ILE A 177 -5.17 1.37 18.84
C ILE A 177 -4.09 0.30 19.10
N SER A 178 -2.88 0.75 19.44
CA SER A 178 -1.77 -0.14 19.68
C SER A 178 -2.03 -1.08 20.87
N GLU A 179 -2.30 -0.52 22.04
CA GLU A 179 -2.54 -1.32 23.24
C GLU A 179 -3.74 -2.25 23.12
N ARG A 180 -4.78 -1.79 22.43
N ARG A 180 -4.78 -1.79 22.42
CA ARG A 180 -5.98 -2.60 22.26
CA ARG A 180 -5.98 -2.58 22.22
C ARG A 180 -5.72 -3.83 21.39
C ARG A 180 -5.67 -3.84 21.42
N LEU A 181 -4.93 -3.67 20.33
CA LEU A 181 -4.57 -4.81 19.47
C LEU A 181 -3.68 -5.78 20.25
N ASN A 182 -2.91 -5.24 21.18
CA ASN A 182 -2.07 -6.05 22.06
C ASN A 182 -2.94 -6.96 22.93
N GLU A 183 -4.03 -6.42 23.50
CA GLU A 183 -4.96 -7.23 24.29
C GLU A 183 -5.63 -8.30 23.44
N SER A 184 -6.18 -7.88 22.32
CA SER A 184 -6.92 -8.78 21.44
C SER A 184 -6.00 -9.92 20.98
N ALA A 185 -4.73 -9.58 20.75
CA ALA A 185 -3.76 -10.59 20.38
C ALA A 185 -3.57 -11.58 21.54
N PHE A 186 -3.53 -11.06 22.76
CA PHE A 186 -3.27 -11.89 23.93
C PHE A 186 -4.43 -12.83 24.25
N LEU A 187 -5.65 -12.38 23.99
CA LEU A 187 -6.84 -13.17 24.24
C LEU A 187 -7.03 -14.23 23.16
N LEU A 188 -6.73 -13.87 21.91
CA LEU A 188 -6.89 -14.79 20.78
C LEU A 188 -5.89 -15.94 20.78
N LYS A 189 -4.60 -15.60 20.94
CA LYS A 189 -3.49 -16.53 20.79
C LYS A 189 -3.33 -17.02 19.35
N ASN A 190 -2.10 -17.36 18.97
CA ASN A 190 -1.76 -17.91 17.66
C ASN A 190 -2.10 -17.01 16.48
N VAL A 191 -2.47 -15.76 16.75
CA VAL A 191 -2.88 -14.83 15.70
C VAL A 191 -2.15 -13.50 15.84
N THR A 192 -1.59 -13.03 14.74
CA THR A 192 -0.83 -11.79 14.73
C THR A 192 -1.68 -10.59 14.32
N LEU A 193 -1.79 -9.61 15.21
CA LEU A 193 -2.48 -8.37 14.87
C LEU A 193 -1.45 -7.26 14.73
N SER A 194 -1.49 -6.53 13.61
CA SER A 194 -0.50 -5.50 13.34
C SER A 194 -1.13 -4.12 13.21
N LEU A 195 -0.33 -3.09 13.45
CA LEU A 195 -0.78 -1.71 13.28
C LEU A 195 0.25 -0.92 12.50
N THR A 196 -0.18 -0.33 11.39
CA THR A 196 0.72 0.43 10.53
C THR A 196 0.21 1.86 10.30
N ASP A 197 1.02 2.85 10.69
CA ASP A 197 0.63 4.26 10.56
C ASP A 197 1.39 4.92 9.42
N LYS A 198 0.71 5.12 8.29
CA LYS A 198 1.34 5.70 7.11
C LYS A 198 1.54 7.21 7.26
N ARG A 199 1.01 7.79 8.34
CA ARG A 199 1.24 9.20 8.61
C ARG A 199 2.63 9.46 9.18
N THR A 200 3.15 8.50 9.94
CA THR A 200 4.42 8.68 10.67
C THR A 200 5.44 7.59 10.38
N ASP A 201 5.09 6.69 9.47
CA ASP A 201 5.98 5.61 9.04
C ASP A 201 6.36 4.67 10.18
N GLU A 202 5.46 4.50 11.15
CA GLU A 202 5.67 3.54 12.23
C GLU A 202 4.77 2.31 12.08
N ALA A 203 5.20 1.20 12.66
CA ALA A 203 4.42 -0.05 12.60
C ALA A 203 4.80 -0.97 13.76
N ILE A 204 3.84 -1.76 14.22
CA ILE A 204 4.08 -2.66 15.36
C ILE A 204 3.17 -3.88 15.30
N GLU A 205 3.68 -5.01 15.77
CA GLU A 205 2.93 -6.26 15.80
C GLU A 205 2.76 -6.83 17.19
N PHE A 206 1.71 -7.62 17.38
CA PHE A 206 1.48 -8.28 18.66
C PHE A 206 1.10 -9.71 18.40
N HIS A 207 1.68 -10.62 19.18
CA HIS A 207 1.47 -12.05 18.96
C HIS A 207 1.80 -12.86 20.21
N TYR A 208 0.82 -13.62 20.71
CA TYR A 208 1.06 -14.41 21.90
C TYR A 208 0.79 -15.90 21.67
N GLU A 209 1.55 -16.75 22.34
CA GLU A 209 1.47 -18.16 21.99
C GLU A 209 1.36 -19.13 23.16
N ASN A 210 0.18 -19.70 23.35
CA ASN A 210 0.05 -21.00 24.01
C ASN A 210 -1.32 -21.62 23.74
N GLN B 1 39.00 3.16 -15.60
CA GLN B 1 37.61 3.55 -15.33
C GLN B 1 37.52 4.89 -14.61
N VAL B 2 37.52 5.97 -15.36
CA VAL B 2 37.34 7.32 -14.80
C VAL B 2 35.90 7.51 -14.34
N LEU B 3 35.72 7.98 -13.10
CA LEU B 3 34.39 8.17 -12.55
C LEU B 3 33.83 9.54 -12.89
N GLU B 4 32.49 9.64 -13.00
CA GLU B 4 31.85 10.90 -13.36
C GLU B 4 30.71 11.27 -12.44
N GLY B 5 30.35 12.55 -12.44
CA GLY B 5 29.19 13.01 -11.71
C GLY B 5 27.95 12.81 -12.56
N LEU B 6 26.80 13.27 -12.07
CA LEU B 6 25.55 13.07 -12.79
C LEU B 6 25.33 14.09 -13.90
N ASP B 7 26.05 15.20 -13.84
CA ASP B 7 25.93 16.26 -14.84
C ASP B 7 26.31 15.74 -16.22
N ALA B 8 27.18 14.73 -16.25
CA ALA B 8 27.57 14.13 -17.51
C ALA B 8 26.38 13.45 -18.19
N VAL B 9 25.50 12.87 -17.38
CA VAL B 9 24.33 12.20 -17.93
C VAL B 9 23.28 13.19 -18.42
N ARG B 10 23.06 14.25 -17.64
CA ARG B 10 22.09 15.26 -18.03
C ARG B 10 22.51 15.94 -19.34
N LYS B 11 23.82 16.08 -19.51
CA LYS B 11 24.37 16.75 -20.68
C LYS B 11 24.05 15.98 -21.99
N ARG B 12 24.18 14.66 -21.96
CA ARG B 12 23.84 13.82 -23.11
C ARG B 12 22.93 12.66 -22.74
N PRO B 13 21.65 12.94 -22.47
CA PRO B 13 20.70 11.91 -21.99
C PRO B 13 20.49 10.75 -22.96
N GLY B 14 20.44 11.05 -24.26
CA GLY B 14 20.21 10.02 -25.27
C GLY B 14 21.30 8.97 -25.32
N MET B 15 22.49 9.33 -24.87
CA MET B 15 23.63 8.42 -24.92
C MET B 15 23.51 7.36 -23.82
N TYR B 16 22.66 7.63 -22.82
CA TYR B 16 22.50 6.69 -21.71
C TYR B 16 21.15 5.97 -21.74
N ILE B 17 20.13 6.61 -22.31
CA ILE B 17 18.81 5.96 -22.37
C ILE B 17 18.20 5.91 -23.77
N GLY B 18 19.00 6.20 -24.79
CA GLY B 18 18.53 6.07 -26.16
C GLY B 18 17.89 7.31 -26.75
N SER B 19 16.93 7.87 -26.02
CA SER B 19 16.22 9.06 -26.50
C SER B 19 15.53 9.79 -25.35
N THR B 20 14.90 10.92 -25.67
CA THR B 20 14.25 11.72 -24.65
C THR B 20 12.76 11.84 -24.90
N ASP B 21 12.21 10.89 -25.65
CA ASP B 21 10.77 10.86 -25.91
C ASP B 21 10.10 9.78 -25.05
N GLY B 22 8.98 9.26 -25.54
CA GLY B 22 8.24 8.23 -24.85
C GLY B 22 9.05 6.97 -24.63
N ALA B 23 9.83 6.60 -25.64
CA ALA B 23 10.65 5.40 -25.58
C ALA B 23 11.72 5.50 -24.49
N GLY B 24 12.46 6.59 -24.49
CA GLY B 24 13.50 6.82 -23.51
C GLY B 24 12.93 6.93 -22.10
N LEU B 25 11.75 7.53 -21.99
CA LEU B 25 11.10 7.69 -20.71
C LEU B 25 10.86 6.34 -20.04
N HIS B 26 10.42 5.35 -20.81
CA HIS B 26 10.10 4.05 -20.24
C HIS B 26 11.35 3.23 -19.97
N HIS B 27 12.47 3.61 -20.56
CA HIS B 27 13.73 2.94 -20.27
CA HIS B 27 13.73 2.94 -20.27
C HIS B 27 14.12 3.15 -18.80
N LEU B 28 13.70 4.29 -18.25
CA LEU B 28 13.92 4.58 -16.85
C LEU B 28 13.27 3.52 -15.97
N VAL B 29 12.08 3.09 -16.39
CA VAL B 29 11.35 2.06 -15.67
C VAL B 29 12.07 0.72 -15.72
N TRP B 30 12.58 0.36 -16.90
CA TRP B 30 13.24 -0.93 -17.08
C TRP B 30 14.53 -1.02 -16.24
N GLU B 31 15.22 0.10 -16.11
CA GLU B 31 16.46 0.14 -15.35
C GLU B 31 16.22 -0.27 -13.89
N ILE B 32 15.28 0.41 -13.22
CA ILE B 32 14.98 0.13 -11.82
C ILE B 32 14.41 -1.27 -11.67
N VAL B 33 13.51 -1.67 -12.56
CA VAL B 33 12.94 -3.00 -12.48
C VAL B 33 14.04 -4.06 -12.66
N ASP B 34 14.99 -3.80 -13.56
CA ASP B 34 16.09 -4.75 -13.79
C ASP B 34 16.93 -4.99 -12.54
N ASN B 35 16.96 -4.04 -11.62
CA ASN B 35 17.71 -4.21 -10.39
C ASN B 35 16.92 -5.08 -9.42
N ALA B 36 15.59 -4.96 -9.46
CA ALA B 36 14.74 -5.79 -8.63
C ALA B 36 14.71 -7.22 -9.15
N VAL B 37 14.75 -7.35 -10.48
CA VAL B 37 14.74 -8.66 -11.11
C VAL B 37 16.09 -9.33 -10.87
N ASP B 38 17.15 -8.52 -10.80
CA ASP B 38 18.48 -9.05 -10.55
C ASP B 38 18.66 -9.46 -9.09
N GLU B 39 17.81 -8.93 -8.21
CA GLU B 39 17.84 -9.36 -6.82
C GLU B 39 17.01 -10.62 -6.66
N ALA B 40 15.86 -10.63 -7.31
CA ALA B 40 14.98 -11.80 -7.30
C ALA B 40 15.71 -12.99 -7.89
N LEU B 41 16.40 -12.76 -9.01
CA LEU B 41 17.15 -13.79 -9.70
C LEU B 41 18.27 -14.38 -8.84
N SER B 42 18.73 -13.59 -7.86
CA SER B 42 19.78 -14.03 -6.94
C SER B 42 19.23 -14.81 -5.75
N GLY B 43 17.91 -14.98 -5.72
CA GLY B 43 17.29 -15.81 -4.72
C GLY B 43 16.64 -15.07 -3.57
N PHE B 44 16.43 -13.76 -3.74
CA PHE B 44 15.84 -12.96 -2.68
C PHE B 44 14.63 -12.17 -3.20
N GLY B 45 13.45 -12.49 -2.65
CA GLY B 45 12.22 -11.85 -3.07
C GLY B 45 11.51 -12.62 -4.18
N ASP B 46 10.19 -12.74 -4.06
CA ASP B 46 9.42 -13.46 -5.09
C ASP B 46 8.37 -12.57 -5.75
N ARG B 47 8.30 -11.30 -5.37
CA ARG B 47 7.39 -10.37 -6.04
C ARG B 47 7.97 -8.97 -6.19
N ILE B 48 7.61 -8.31 -7.28
CA ILE B 48 8.09 -6.96 -7.59
C ILE B 48 6.94 -6.07 -8.04
N ASP B 49 6.58 -5.11 -7.19
CA ASP B 49 5.41 -4.27 -7.42
C ASP B 49 5.79 -2.93 -8.02
N VAL B 50 5.22 -2.61 -9.18
CA VAL B 50 5.39 -1.31 -9.81
C VAL B 50 4.11 -0.50 -9.70
N THR B 51 4.23 0.76 -9.26
CA THR B 51 3.06 1.60 -9.08
C THR B 51 3.19 2.94 -9.79
N ILE B 52 2.22 3.26 -10.64
CA ILE B 52 2.14 4.59 -11.21
C ILE B 52 1.28 5.46 -10.29
N ASN B 53 1.92 6.40 -9.61
CA ASN B 53 1.23 7.22 -8.62
C ASN B 53 0.42 8.33 -9.30
N LYS B 54 -0.49 8.95 -8.55
CA LYS B 54 -1.33 10.02 -9.10
C LYS B 54 -0.52 11.25 -9.49
N ASP B 55 0.58 11.48 -8.78
CA ASP B 55 1.38 12.68 -9.01
C ASP B 55 2.24 12.56 -10.27
N GLY B 56 2.16 11.41 -10.94
CA GLY B 56 2.90 11.20 -12.17
C GLY B 56 4.22 10.51 -11.95
N SER B 57 4.62 10.39 -10.69
CA SER B 57 5.86 9.73 -10.34
C SER B 57 5.68 8.23 -10.52
N LEU B 58 6.76 7.48 -10.39
CA LEU B 58 6.69 6.03 -10.53
C LEU B 58 7.42 5.33 -9.40
N THR B 59 6.86 4.22 -8.93
CA THR B 59 7.42 3.47 -7.82
C THR B 59 7.71 2.02 -8.21
N VAL B 60 8.90 1.54 -7.86
CA VAL B 60 9.23 0.12 -7.97
C VAL B 60 9.58 -0.40 -6.59
N GLN B 61 8.91 -1.47 -6.17
CA GLN B 61 9.21 -2.05 -4.86
C GLN B 61 9.44 -3.54 -4.93
N ASP B 62 10.63 -4.00 -4.48
CA ASP B 62 10.88 -5.43 -4.38
C ASP B 62 10.92 -5.83 -2.91
N HIS B 63 11.08 -7.12 -2.66
CA HIS B 63 11.18 -7.62 -1.30
C HIS B 63 12.47 -8.40 -1.10
N GLY B 64 13.55 -7.87 -1.64
CA GLY B 64 14.85 -8.48 -1.49
C GLY B 64 15.51 -8.10 -0.19
N ARG B 65 16.83 -8.20 -0.15
CA ARG B 65 17.60 -7.94 1.05
C ARG B 65 17.69 -6.46 1.37
N GLY B 66 17.32 -5.60 0.41
CA GLY B 66 17.48 -4.17 0.56
C GLY B 66 18.89 -3.71 0.26
N MET B 67 19.02 -2.58 -0.42
CA MET B 67 20.34 -2.02 -0.73
C MET B 67 21.12 -1.75 0.55
N PRO B 68 22.46 -1.79 0.46
CA PRO B 68 23.31 -1.53 1.63
C PRO B 68 22.95 -0.24 2.37
N THR B 69 22.91 -0.31 3.68
CA THR B 69 22.56 0.84 4.49
C THR B 69 23.79 1.37 5.22
N GLY B 70 24.93 0.75 4.96
CA GLY B 70 26.18 1.13 5.59
C GLY B 70 26.79 2.39 5.00
N MET B 71 27.94 2.77 5.52
CA MET B 71 28.66 3.94 5.03
C MET B 71 29.86 3.51 4.19
N HIS B 72 30.37 4.44 3.37
CA HIS B 72 31.65 4.26 2.70
C HIS B 72 32.64 5.27 3.26
N ALA B 73 33.34 5.97 2.38
CA ALA B 73 34.28 6.99 2.84
C ALA B 73 33.54 8.26 3.23
N MET B 74 34.15 9.05 4.12
CA MET B 74 33.62 10.35 4.52
C MET B 74 32.19 10.33 5.07
N GLY B 75 31.77 9.22 5.64
CA GLY B 75 30.43 9.13 6.20
C GLY B 75 29.36 9.27 5.13
N ILE B 76 29.73 8.94 3.90
CA ILE B 76 28.78 8.93 2.79
C ILE B 76 28.16 7.53 2.63
N PRO B 77 26.82 7.46 2.68
CA PRO B 77 26.09 6.20 2.58
C PRO B 77 26.41 5.47 1.27
N THR B 78 26.41 4.15 1.30
CA THR B 78 26.67 3.36 0.10
C THR B 78 25.61 3.60 -0.97
N VAL B 79 24.36 3.76 -0.52
CA VAL B 79 23.27 3.97 -1.45
C VAL B 79 23.43 5.31 -2.16
N GLU B 80 24.12 6.25 -1.52
CA GLU B 80 24.36 7.54 -2.16
C GLU B 80 25.37 7.41 -3.29
N VAL B 81 26.34 6.52 -3.10
CA VAL B 81 27.36 6.27 -4.11
C VAL B 81 26.76 5.57 -5.33
N ILE B 82 25.80 4.70 -5.09
CA ILE B 82 25.11 3.99 -6.15
C ILE B 82 24.31 4.93 -7.06
N PHE B 83 23.71 5.96 -6.46
CA PHE B 83 22.79 6.84 -7.19
C PHE B 83 23.42 8.12 -7.73
N THR B 84 24.64 8.46 -7.31
CA THR B 84 25.20 9.75 -7.70
C THR B 84 26.55 9.66 -8.43
N ILE B 85 27.14 8.47 -8.46
CA ILE B 85 28.42 8.29 -9.16
C ILE B 85 28.30 7.37 -10.37
N LEU B 86 28.56 7.93 -11.54
CA LEU B 86 28.47 7.19 -12.80
C LEU B 86 29.79 6.49 -13.11
N HIS B 87 29.73 5.18 -13.29
CA HIS B 87 30.92 4.36 -13.51
C HIS B 87 31.23 4.26 -15.00
N ALA B 88 31.10 5.37 -15.72
CA ALA B 88 31.32 5.38 -17.16
C ALA B 88 32.80 5.46 -17.52
N GLY B 105 25.75 -2.36 -13.19
CA GLY B 105 25.57 -1.53 -12.03
C GLY B 105 25.75 -0.05 -12.34
N VAL B 106 24.99 0.44 -13.31
CA VAL B 106 25.08 1.82 -13.76
C VAL B 106 23.69 2.44 -13.88
N GLY B 107 22.67 1.59 -13.96
CA GLY B 107 21.32 2.03 -14.21
C GLY B 107 20.71 2.95 -13.16
N SER B 108 21.00 2.70 -11.89
CA SER B 108 20.38 3.48 -10.81
C SER B 108 20.75 4.96 -10.89
N SER B 109 22.02 5.25 -11.17
CA SER B 109 22.49 6.63 -11.20
C SER B 109 21.95 7.37 -12.43
N VAL B 110 21.76 6.64 -13.52
CA VAL B 110 21.24 7.23 -14.76
C VAL B 110 19.82 7.73 -14.55
N VAL B 111 18.99 6.90 -13.93
CA VAL B 111 17.61 7.25 -13.64
C VAL B 111 17.55 8.49 -12.75
N ASN B 112 18.40 8.52 -11.72
CA ASN B 112 18.45 9.62 -10.77
C ASN B 112 18.84 10.94 -11.43
N ALA B 113 19.76 10.86 -12.39
CA ALA B 113 20.25 12.03 -13.09
C ALA B 113 19.15 12.69 -13.91
N LEU B 114 18.24 11.88 -14.44
CA LEU B 114 17.18 12.38 -15.31
C LEU B 114 15.85 12.46 -14.58
N SER B 115 15.90 12.65 -13.26
CA SER B 115 14.71 12.83 -12.44
C SER B 115 14.72 14.19 -11.73
N SER B 116 13.57 14.86 -11.67
CA SER B 116 13.51 16.11 -10.92
C SER B 116 13.58 15.80 -9.41
N TRP B 117 13.13 14.61 -9.01
CA TRP B 117 13.41 14.10 -7.66
C TRP B 117 13.30 12.57 -7.63
N LEU B 118 13.94 11.96 -6.63
CA LEU B 118 13.98 10.51 -6.49
C LEU B 118 14.13 10.12 -5.02
N GLU B 119 13.39 9.11 -4.58
CA GLU B 119 13.50 8.62 -3.21
C GLU B 119 13.85 7.15 -3.17
N VAL B 120 14.76 6.81 -2.27
CA VAL B 120 15.14 5.43 -2.02
C VAL B 120 14.74 5.06 -0.60
N GLU B 121 13.99 3.97 -0.46
CA GLU B 121 13.56 3.53 0.86
CA GLU B 121 13.57 3.53 0.87
C GLU B 121 13.98 2.09 1.12
N ILE B 122 14.80 1.89 2.15
CA ILE B 122 15.29 0.56 2.47
C ILE B 122 14.69 0.08 3.78
N THR B 123 14.23 -1.17 3.78
CA THR B 123 13.64 -1.79 4.96
C THR B 123 14.43 -3.01 5.39
N ARG B 124 15.07 -2.94 6.55
CA ARG B 124 15.78 -4.11 7.10
C ARG B 124 15.79 -4.09 8.62
N ASP B 125 15.84 -5.30 9.20
CA ASP B 125 15.95 -5.48 10.65
C ASP B 125 14.84 -4.76 11.41
N GLY B 126 13.71 -4.56 10.76
CA GLY B 126 12.60 -3.89 11.40
C GLY B 126 12.72 -2.38 11.38
N ALA B 127 13.67 -1.87 10.60
CA ALA B 127 13.82 -0.42 10.49
C ALA B 127 13.64 0.03 9.04
N VAL B 128 13.21 1.27 8.88
CA VAL B 128 13.00 1.83 7.55
C VAL B 128 13.93 3.01 7.32
N TYR B 129 14.75 2.91 6.28
CA TYR B 129 15.70 3.96 5.94
C TYR B 129 15.24 4.67 4.69
N LYS B 130 15.66 5.91 4.51
CA LYS B 130 15.21 6.70 3.37
C LYS B 130 16.21 7.80 3.01
N GLN B 131 16.51 7.92 1.73
CA GLN B 131 17.26 9.08 1.25
C GLN B 131 16.54 9.68 0.05
N ARG B 132 16.57 11.01 -0.03
CA ARG B 132 15.92 11.72 -1.12
C ARG B 132 16.92 12.55 -1.94
N PHE B 133 16.73 12.55 -3.26
CA PHE B 133 17.55 13.36 -4.16
C PHE B 133 16.65 14.30 -4.95
N GLU B 134 17.20 15.42 -5.41
CA GLU B 134 16.42 16.39 -6.19
C GLU B 134 17.24 17.06 -7.29
N ASN B 135 16.56 17.57 -8.32
CA ASN B 135 17.18 18.35 -9.38
CA ASN B 135 17.17 18.35 -9.39
C ASN B 135 18.35 17.62 -10.06
N GLY B 136 18.06 16.49 -10.67
CA GLY B 136 19.08 15.74 -11.38
C GLY B 136 19.96 14.89 -10.51
N GLY B 137 19.44 14.46 -9.35
CA GLY B 137 20.17 13.54 -8.52
C GLY B 137 21.08 14.17 -7.49
N LYS B 138 20.82 15.43 -7.16
CA LYS B 138 21.52 16.10 -6.08
C LYS B 138 20.88 15.71 -4.76
N PRO B 139 21.66 15.10 -3.86
CA PRO B 139 21.14 14.68 -2.55
C PRO B 139 20.67 15.87 -1.73
N VAL B 140 19.44 15.78 -1.22
CA VAL B 140 18.88 16.83 -0.37
C VAL B 140 18.75 16.38 1.09
N THR B 141 18.87 15.08 1.31
CA THR B 141 19.06 14.54 2.65
C THR B 141 20.10 13.43 2.58
N THR B 142 20.68 13.08 3.73
CA THR B 142 21.52 11.89 3.77
C THR B 142 20.61 10.69 3.97
N LEU B 143 21.19 9.53 4.23
CA LEU B 143 20.39 8.35 4.56
C LEU B 143 20.04 8.34 6.04
N LYS B 144 18.78 8.63 6.34
CA LYS B 144 18.30 8.73 7.72
C LYS B 144 17.30 7.63 8.04
N LYS B 145 17.34 7.12 9.27
CA LYS B 145 16.27 6.25 9.74
C LYS B 145 15.01 7.09 10.03
N ILE B 146 13.91 6.76 9.37
CA ILE B 146 12.70 7.59 9.49
C ILE B 146 11.54 6.88 10.14
N GLY B 147 11.64 5.57 10.33
CA GLY B 147 10.54 4.81 10.91
C GLY B 147 10.86 3.38 11.25
N THR B 148 9.85 2.65 11.67
CA THR B 148 10.01 1.26 12.08
C THR B 148 9.20 0.36 11.18
N ALA B 149 9.52 -0.92 11.24
CA ALA B 149 8.86 -1.93 10.45
C ALA B 149 8.98 -3.27 11.14
N LEU B 150 8.40 -4.29 10.51
CA LEU B 150 8.42 -5.64 11.03
C LEU B 150 9.79 -6.29 10.81
N LYS B 151 10.15 -7.26 11.64
CA LYS B 151 11.47 -7.91 11.53
C LYS B 151 11.49 -8.88 10.33
N SER B 152 10.29 -9.29 9.90
CA SER B 152 10.13 -10.18 8.75
C SER B 152 10.20 -9.43 7.43
N LYS B 153 9.97 -8.12 7.48
CA LYS B 153 9.93 -7.31 6.27
C LYS B 153 11.27 -6.74 5.80
N THR B 154 11.62 -7.03 4.56
CA THR B 154 12.84 -6.54 3.94
C THR B 154 12.57 -6.13 2.49
N GLY B 155 13.30 -5.13 2.00
CA GLY B 155 13.15 -4.72 0.61
C GLY B 155 13.57 -3.31 0.26
N THR B 156 13.55 -3.01 -1.04
CA THR B 156 13.94 -1.69 -1.53
C THR B 156 12.80 -1.06 -2.30
N LYS B 157 12.46 0.18 -1.96
CA LYS B 157 11.44 0.92 -2.70
C LYS B 157 12.04 2.18 -3.30
N VAL B 158 12.05 2.26 -4.63
CA VAL B 158 12.54 3.43 -5.34
C VAL B 158 11.38 4.16 -6.01
N THR B 159 11.26 5.45 -5.74
CA THR B 159 10.23 6.29 -6.35
C THR B 159 10.86 7.52 -6.96
N PHE B 160 10.55 7.78 -8.23
CA PHE B 160 11.13 8.91 -8.92
C PHE B 160 10.14 9.64 -9.83
N MET B 161 10.41 10.93 -10.05
CA MET B 161 9.67 11.77 -10.98
C MET B 161 10.58 12.17 -12.11
N PRO B 162 10.28 11.71 -13.33
CA PRO B 162 11.14 12.04 -14.48
C PRO B 162 11.19 13.54 -14.75
N ASP B 163 12.38 14.06 -15.01
CA ASP B 163 12.59 15.49 -15.24
C ASP B 163 11.94 15.94 -16.55
N ALA B 164 11.00 16.88 -16.42
CA ALA B 164 10.26 17.39 -17.57
C ALA B 164 11.12 18.27 -18.46
N THR B 165 12.20 18.82 -17.91
CA THR B 165 13.09 19.68 -18.68
C THR B 165 14.10 18.86 -19.48
N ILE B 166 13.92 17.53 -19.47
CA ILE B 166 14.77 16.64 -20.24
C ILE B 166 13.94 15.79 -21.19
N PHE B 167 12.81 15.29 -20.71
CA PHE B 167 11.93 14.47 -21.53
C PHE B 167 10.84 15.32 -22.20
N SER B 168 10.53 14.99 -23.46
CA SER B 168 9.48 15.67 -24.18
C SER B 168 8.11 15.25 -23.66
N THR B 169 8.07 14.11 -22.98
CA THR B 169 6.83 13.59 -22.38
C THR B 169 7.12 12.83 -21.08
N THR B 170 6.33 13.11 -20.05
CA THR B 170 6.53 12.44 -18.77
C THR B 170 5.30 11.63 -18.33
N ASP B 171 4.45 11.28 -19.29
CA ASP B 171 3.27 10.48 -19.01
CA ASP B 171 3.27 10.47 -18.99
C ASP B 171 3.55 8.99 -19.24
N PHE B 172 3.68 8.23 -18.15
CA PHE B 172 3.92 6.79 -18.25
C PHE B 172 2.71 6.08 -18.86
N LYS B 173 2.97 5.17 -19.79
CA LYS B 173 1.91 4.46 -20.47
C LYS B 173 1.61 3.16 -19.74
N TYR B 174 0.34 2.98 -19.37
CA TYR B 174 -0.06 1.76 -18.66
C TYR B 174 0.13 0.52 -19.55
N ASN B 175 -0.31 0.60 -20.81
CA ASN B 175 -0.18 -0.53 -21.74
C ASN B 175 1.27 -0.94 -21.93
N THR B 176 2.14 0.03 -22.15
CA THR B 176 3.55 -0.23 -22.38
C THR B 176 4.22 -0.96 -21.20
N ILE B 177 4.08 -0.40 -19.99
CA ILE B 177 4.68 -0.99 -18.80
C ILE B 177 4.06 -2.35 -18.48
N SER B 178 2.79 -2.52 -18.82
CA SER B 178 2.10 -3.77 -18.58
C SER B 178 2.75 -4.91 -19.37
N GLU B 179 2.89 -4.69 -20.68
CA GLU B 179 3.46 -5.69 -21.58
C GLU B 179 4.88 -6.12 -21.21
N ARG B 180 5.70 -5.19 -20.77
N ARG B 180 5.72 -5.18 -20.80
CA ARG B 180 7.09 -5.49 -20.44
CA ARG B 180 7.10 -5.50 -20.43
C ARG B 180 7.20 -6.35 -19.17
C ARG B 180 7.15 -6.39 -19.19
N LEU B 181 6.36 -6.04 -18.17
CA LEU B 181 6.34 -6.82 -16.94
C LEU B 181 5.80 -8.22 -17.20
N ASN B 182 4.91 -8.35 -18.18
CA ASN B 182 4.40 -9.66 -18.59
C ASN B 182 5.50 -10.54 -19.16
N GLU B 183 6.37 -9.96 -19.98
CA GLU B 183 7.52 -10.68 -20.53
C GLU B 183 8.45 -11.13 -19.43
N SER B 184 8.79 -10.19 -18.55
CA SER B 184 9.76 -10.41 -17.49
C SER B 184 9.33 -11.54 -16.57
N ALA B 185 8.03 -11.61 -16.30
CA ALA B 185 7.51 -12.69 -15.49
C ALA B 185 7.76 -14.00 -16.21
N PHE B 186 7.58 -14.00 -17.53
CA PHE B 186 7.70 -15.22 -18.33
C PHE B 186 9.13 -15.74 -18.42
N LEU B 187 10.09 -14.83 -18.46
CA LEU B 187 11.49 -15.22 -18.54
C LEU B 187 11.99 -15.68 -17.17
N LEU B 188 11.53 -14.99 -16.14
CA LEU B 188 11.95 -15.26 -14.76
C LEU B 188 11.39 -16.55 -14.21
N LYS B 189 10.07 -16.71 -14.33
CA LYS B 189 9.31 -17.80 -13.69
C LYS B 189 9.36 -17.67 -12.17
N ASN B 190 8.33 -18.17 -11.50
CA ASN B 190 8.29 -18.21 -10.03
C ASN B 190 8.37 -16.85 -9.34
N VAL B 191 8.21 -15.78 -10.11
CA VAL B 191 8.27 -14.42 -9.59
C VAL B 191 7.04 -13.65 -10.04
N THR B 192 6.35 -13.01 -9.11
CA THR B 192 5.13 -12.27 -9.44
C THR B 192 5.42 -10.78 -9.69
N LEU B 193 5.15 -10.29 -10.89
CA LEU B 193 5.32 -8.87 -11.17
C LEU B 193 3.96 -8.20 -11.34
N SER B 194 3.74 -7.11 -10.61
CA SER B 194 2.46 -6.42 -10.65
C SER B 194 2.58 -4.99 -11.15
N LEU B 195 1.48 -4.46 -11.69
CA LEU B 195 1.42 -3.08 -12.13
C LEU B 195 0.13 -2.40 -11.66
N THR B 196 0.27 -1.29 -10.95
CA THR B 196 -0.89 -0.57 -10.43
C THR B 196 -0.92 0.88 -10.89
N ASP B 197 -2.02 1.26 -11.54
CA ASP B 197 -2.21 2.62 -12.03
C ASP B 197 -3.19 3.37 -11.15
N LYS B 198 -2.69 4.22 -10.26
CA LYS B 198 -3.54 4.96 -9.33
C LYS B 198 -4.23 6.14 -9.99
N ARG B 199 -3.88 6.44 -11.23
CA ARG B 199 -4.56 7.50 -11.96
C ARG B 199 -5.93 7.03 -12.42
N THR B 200 -6.03 5.74 -12.69
CA THR B 200 -7.25 5.17 -13.25
C THR B 200 -7.76 4.00 -12.41
N ASP B 201 -7.05 3.72 -11.33
CA ASP B 201 -7.45 2.68 -10.39
C ASP B 201 -7.48 1.28 -11.01
N GLU B 202 -6.62 1.01 -11.99
CA GLU B 202 -6.52 -0.34 -12.56
C GLU B 202 -5.22 -1.02 -12.14
N ALA B 203 -5.22 -2.35 -12.16
CA ALA B 203 -4.05 -3.12 -11.73
C ALA B 203 -4.03 -4.54 -12.32
N ILE B 204 -2.84 -5.09 -12.50
CA ILE B 204 -2.70 -6.41 -13.11
C ILE B 204 -1.46 -7.16 -12.59
N GLU B 205 -1.56 -8.48 -12.48
CA GLU B 205 -0.44 -9.29 -12.02
C GLU B 205 -0.05 -10.34 -13.04
N PHE B 206 1.21 -10.75 -13.00
CA PHE B 206 1.73 -11.80 -13.87
C PHE B 206 2.59 -12.77 -13.08
N HIS B 207 2.42 -14.06 -13.34
CA HIS B 207 3.21 -15.08 -12.66
C HIS B 207 3.25 -16.38 -13.46
N TYR B 208 4.45 -16.84 -13.78
CA TYR B 208 4.60 -18.04 -14.59
C TYR B 208 5.35 -19.14 -13.83
N GLU B 209 5.05 -20.40 -14.17
CA GLU B 209 5.44 -21.54 -13.35
C GLU B 209 6.13 -22.67 -14.14
N ASN B 210 7.40 -22.91 -13.79
CA ASN B 210 8.12 -24.14 -14.13
C ASN B 210 9.26 -24.42 -13.16
#